data_6PDD
#
_entry.id   6PDD
#
_cell.length_a   46.177
_cell.length_b   57.005
_cell.length_c   122.186
_cell.angle_alpha   90.00
_cell.angle_beta   90.00
_cell.angle_gamma   90.00
#
_symmetry.space_group_name_H-M   'P 21 21 21'
#
loop_
_entity.id
_entity.type
_entity.pdbx_description
1 polymer 'Histone acetyltransferase KAT8'
2 non-polymer 'ZINC ION'
3 non-polymer 'SODIUM ION'
4 non-polymer "2-fluoro-3-methyl-N'-(phenylsulfonyl)-5-[(propan-2-yl)oxy]benzohydrazide"
5 non-polymer GLYCEROL
6 non-polymer 'SULFATE ION'
7 water water
#
_entity_poly.entity_id   1
_entity_poly.type   'polypeptide(L)'
_entity_poly.pdbx_seq_one_letter_code
;KYVDKIHIGNYEIDAWYFSPFPEDYGKQPKLWLCEYCLKYMKYEKSYRFHLGQCQWRQPPGKEIYRKSNISVHEVDGKDH
KIYCQNLCLLAKLFLDH(ALY)TLYFDVEPFVFYILTEVDRQGAHIVGYFSKEKESPDGNNVSCIMILPPYQRRGYGRFL
IAFSYELSKLESTVGSPEKPLSDLGKLSYRSYWSSVLLENLRDFRGTLSIKDLSQMTSITQNDIISTLQSLNMVKYWKGQ
HVICVTPKLVEEHLKSAQYKKPPITVDSVCLKWAPP
;
_entity_poly.pdbx_strand_id   A
#
# COMPACT_ATOMS: atom_id res chain seq x y z
N LYS A 1 -27.72 -11.13 -0.77
CA LYS A 1 -27.24 -10.21 0.26
C LYS A 1 -25.72 -10.33 0.50
N TYR A 2 -25.03 -9.19 0.47
CA TYR A 2 -23.58 -9.15 0.55
C TYR A 2 -23.10 -8.77 1.95
N VAL A 3 -21.84 -9.08 2.24
CA VAL A 3 -21.21 -8.52 3.44
C VAL A 3 -21.26 -7.00 3.34
N ASP A 4 -21.84 -6.35 4.32
CA ASP A 4 -21.84 -4.90 4.27
C ASP A 4 -21.14 -4.26 5.46
N LYS A 5 -20.68 -5.05 6.43
CA LYS A 5 -20.06 -4.48 7.60
C LYS A 5 -19.17 -5.52 8.24
N ILE A 6 -18.01 -5.10 8.73
CA ILE A 6 -17.12 -6.05 9.40
C ILE A 6 -16.76 -5.53 10.77
N HIS A 7 -16.39 -6.48 11.62
CA HIS A 7 -15.74 -6.22 12.88
C HIS A 7 -14.34 -6.79 12.83
N ILE A 8 -13.33 -5.95 13.02
CA ILE A 8 -11.95 -6.41 13.02
C ILE A 8 -11.19 -5.66 14.10
N GLY A 9 -10.50 -6.40 14.96
CA GLY A 9 -9.84 -5.70 16.04
C GLY A 9 -10.90 -5.05 16.90
N ASN A 10 -10.73 -3.75 17.16
CA ASN A 10 -11.75 -2.97 17.85
C ASN A 10 -12.53 -2.07 16.92
N TYR A 11 -12.50 -2.35 15.62
CA TYR A 11 -13.13 -1.49 14.64
C TYR A 11 -14.35 -2.16 14.05
N GLU A 12 -15.36 -1.34 13.77
CA GLU A 12 -16.45 -1.75 12.91
C GLU A 12 -16.34 -0.90 11.66
N ILE A 13 -16.41 -1.53 10.50
CA ILE A 13 -16.14 -0.86 9.25
C ILE A 13 -17.25 -1.23 8.27
N ASP A 14 -17.91 -0.21 7.69
CA ASP A 14 -18.83 -0.44 6.59
C ASP A 14 -18.08 -0.80 5.31
N ALA A 15 -18.66 -1.71 4.53
CA ALA A 15 -18.10 -2.08 3.23
C ALA A 15 -18.36 -1.00 2.19
N TRP A 16 -17.45 -0.93 1.19
CA TRP A 16 -17.61 -0.04 0.05
C TRP A 16 -18.04 -0.76 -1.21
N TYR A 17 -17.77 -2.06 -1.32
CA TYR A 17 -17.92 -2.78 -2.57
C TYR A 17 -18.21 -4.24 -2.28
N PHE A 18 -18.74 -4.92 -3.29
CA PHE A 18 -18.94 -6.36 -3.19
C PHE A 18 -17.60 -7.08 -3.05
N SER A 19 -17.52 -8.01 -2.10
CA SER A 19 -16.43 -8.97 -2.04
C SER A 19 -16.99 -10.38 -1.94
N PRO A 20 -16.43 -11.34 -2.69
CA PRO A 20 -17.07 -12.66 -2.82
C PRO A 20 -16.74 -13.62 -1.67
N PHE A 21 -17.03 -13.18 -0.44
CA PHE A 21 -17.10 -14.15 0.64
C PHE A 21 -18.20 -15.17 0.30
N PRO A 22 -18.13 -16.40 0.85
CA PRO A 22 -19.18 -17.39 0.52
C PRO A 22 -20.54 -16.89 0.99
N GLU A 23 -21.58 -17.40 0.32
CA GLU A 23 -22.90 -16.79 0.44
C GLU A 23 -23.45 -16.85 1.86
N ASP A 24 -23.17 -17.93 2.61
CA ASP A 24 -23.68 -18.00 3.97
C ASP A 24 -22.98 -17.02 4.91
N TYR A 25 -21.81 -16.51 4.52
CA TYR A 25 -21.19 -15.42 5.27
C TYR A 25 -21.80 -14.07 4.90
N GLY A 26 -22.15 -13.89 3.63
CA GLY A 26 -22.74 -12.64 3.20
C GLY A 26 -24.10 -12.40 3.82
N LYS A 27 -24.87 -13.47 4.06
CA LYS A 27 -26.21 -13.30 4.62
C LYS A 27 -26.17 -12.73 6.03
N GLN A 28 -25.06 -12.84 6.74
CA GLN A 28 -25.06 -12.42 8.13
C GLN A 28 -25.10 -10.89 8.21
N PRO A 29 -25.60 -10.33 9.30
CA PRO A 29 -25.57 -8.87 9.44
C PRO A 29 -24.17 -8.31 9.51
N LYS A 30 -23.23 -9.05 10.08
CA LYS A 30 -21.87 -8.60 10.25
C LYS A 30 -20.91 -9.75 10.07
N LEU A 31 -19.75 -9.48 9.47
CA LEU A 31 -18.67 -10.45 9.41
C LEU A 31 -17.61 -10.08 10.43
N TRP A 32 -17.12 -11.07 11.17
CA TRP A 32 -16.14 -10.84 12.23
C TRP A 32 -14.81 -11.43 11.82
N LEU A 33 -13.76 -10.63 11.89
CA LEU A 33 -12.44 -11.07 11.46
C LEU A 33 -11.43 -11.00 12.60
N CYS A 34 -10.66 -12.07 12.76
CA CYS A 34 -9.47 -12.02 13.59
C CYS A 34 -8.47 -11.05 12.96
N GLU A 35 -8.07 -10.02 13.72
CA GLU A 35 -7.14 -9.04 13.14
C GLU A 35 -5.75 -9.61 12.92
N TYR A 36 -5.43 -10.77 13.48
CA TYR A 36 -4.10 -11.34 13.37
C TYR A 36 -4.00 -12.43 12.31
N CYS A 37 -4.91 -13.42 12.31
CA CYS A 37 -4.84 -14.45 11.28
C CYS A 37 -5.83 -14.23 10.14
N LEU A 38 -6.73 -13.25 10.27
CA LEU A 38 -7.67 -12.85 9.23
C LEU A 38 -8.73 -13.90 8.96
N LYS A 39 -8.87 -14.90 9.83
CA LYS A 39 -10.00 -15.80 9.72
C LYS A 39 -11.30 -14.99 9.82
N TYR A 40 -12.24 -15.25 8.91
CA TYR A 40 -13.51 -14.54 8.96
C TYR A 40 -14.59 -15.46 9.55
N MET A 41 -15.49 -14.88 10.35
CA MET A 41 -16.43 -15.68 11.12
C MET A 41 -17.83 -15.06 11.04
N LYS A 42 -18.82 -15.91 11.30
CA LYS A 42 -20.24 -15.57 11.14
C LYS A 42 -20.86 -14.92 12.37
N TYR A 43 -20.38 -15.24 13.57
CA TYR A 43 -21.09 -14.90 14.80
C TYR A 43 -20.13 -14.30 15.81
N GLU A 44 -20.67 -13.37 16.59
CA GLU A 44 -19.93 -12.82 17.71
C GLU A 44 -19.38 -13.90 18.62
N LYS A 45 -20.15 -14.99 18.80
CA LYS A 45 -19.71 -16.03 19.74
C LYS A 45 -18.60 -16.90 19.14
N SER A 46 -18.65 -17.18 17.84
CA SER A 46 -17.50 -17.86 17.25
C SER A 46 -16.29 -16.96 17.25
N TYR A 47 -16.50 -15.65 17.07
CA TYR A 47 -15.40 -14.68 17.12
C TYR A 47 -14.75 -14.64 18.50
N ARG A 48 -15.56 -14.55 19.55
CA ARG A 48 -15.03 -14.48 20.91
C ARG A 48 -14.26 -15.73 21.24
N PHE A 49 -14.75 -16.89 20.80
CA PHE A 49 -14.05 -18.12 21.12
C PHE A 49 -12.73 -18.18 20.38
N HIS A 50 -12.71 -17.73 19.13
CA HIS A 50 -11.47 -17.71 18.36
C HIS A 50 -10.43 -16.84 19.04
N LEU A 51 -10.84 -15.64 19.46
CA LEU A 51 -9.89 -14.71 20.03
C LEU A 51 -9.20 -15.28 21.26
N GLY A 52 -9.92 -16.11 22.03
CA GLY A 52 -9.32 -16.74 23.17
C GLY A 52 -8.42 -17.89 22.83
N GLN A 53 -8.59 -18.49 21.65
CA GLN A 53 -7.77 -19.61 21.21
C GLN A 53 -6.64 -19.20 20.28
N CYS A 54 -6.85 -18.20 19.44
CA CYS A 54 -5.88 -17.93 18.38
C CYS A 54 -4.57 -17.44 18.99
N GLN A 55 -3.48 -18.05 18.56
CA GLN A 55 -2.18 -17.68 19.09
C GLN A 55 -1.41 -16.70 18.22
N TRP A 56 -1.91 -16.32 17.04
CA TRP A 56 -1.22 -15.33 16.25
C TRP A 56 -1.35 -13.97 16.93
N ARG A 57 -0.27 -13.21 16.90
CA ARG A 57 -0.30 -11.83 17.36
C ARG A 57 0.36 -10.89 16.37
N GLN A 58 0.59 -11.35 15.15
CA GLN A 58 1.20 -10.59 14.06
C GLN A 58 0.96 -11.33 12.75
N PRO A 59 1.23 -10.71 11.60
CA PRO A 59 1.12 -11.42 10.32
C PRO A 59 2.12 -12.56 10.22
N PRO A 60 1.91 -13.49 9.29
CA PRO A 60 2.89 -14.55 9.06
C PRO A 60 4.04 -14.05 8.19
N GLY A 61 4.89 -14.94 7.69
CA GLY A 61 6.01 -14.51 6.84
C GLY A 61 7.08 -13.83 7.68
N LYS A 62 7.97 -13.09 7.02
CA LYS A 62 9.07 -12.49 7.75
C LYS A 62 8.90 -10.99 7.87
N GLU A 63 9.32 -10.45 9.02
CA GLU A 63 9.33 -9.02 9.28
C GLU A 63 10.54 -8.42 8.56
N ILE A 64 10.29 -7.82 7.39
CA ILE A 64 11.37 -7.24 6.59
C ILE A 64 11.59 -5.76 6.89
N TYR A 65 10.79 -5.18 7.78
CA TYR A 65 10.98 -3.81 8.21
C TYR A 65 10.46 -3.66 9.61
N ARG A 66 11.26 -3.06 10.47
CA ARG A 66 10.77 -2.72 11.80
C ARG A 66 11.50 -1.47 12.25
N LYS A 67 10.73 -0.41 12.52
CA LYS A 67 11.28 0.78 13.15
C LYS A 67 10.31 1.28 14.21
N SER A 68 10.77 1.26 15.46
CA SER A 68 9.92 1.49 16.62
C SER A 68 8.76 0.52 16.53
N ASN A 69 7.52 1.01 16.50
CA ASN A 69 6.34 0.16 16.49
C ASN A 69 5.69 0.06 15.10
N ILE A 70 6.41 0.40 14.04
CA ILE A 70 5.93 0.27 12.68
C ILE A 70 6.63 -0.93 12.05
N SER A 71 5.84 -1.82 11.46
CA SER A 71 6.36 -3.10 11.00
C SER A 71 5.80 -3.43 9.63
N VAL A 72 6.61 -4.05 8.77
CA VAL A 72 6.11 -4.61 7.52
C VAL A 72 6.50 -6.08 7.47
N HIS A 73 5.54 -6.95 7.17
CA HIS A 73 5.76 -8.37 6.97
C HIS A 73 5.58 -8.72 5.50
N GLU A 74 6.50 -9.53 4.98
CA GLU A 74 6.43 -10.02 3.61
C GLU A 74 5.89 -11.45 3.64
N VAL A 75 4.79 -11.68 2.92
CA VAL A 75 4.04 -12.92 2.99
C VAL A 75 3.92 -13.46 1.57
N ASP A 76 4.55 -14.62 1.32
CA ASP A 76 4.51 -15.23 0.01
C ASP A 76 3.15 -15.92 -0.15
N GLY A 77 2.44 -15.61 -1.21
CA GLY A 77 1.12 -16.21 -1.40
C GLY A 77 1.13 -17.72 -1.51
N LYS A 78 2.25 -18.30 -1.93
CA LYS A 78 2.34 -19.77 -2.04
C LYS A 78 2.57 -20.43 -0.69
N ASP A 79 3.23 -19.75 0.24
CA ASP A 79 3.49 -20.34 1.56
C ASP A 79 2.39 -20.07 2.58
N HIS A 80 1.54 -19.05 2.38
CA HIS A 80 0.46 -18.74 3.32
C HIS A 80 -0.81 -18.41 2.54
N LYS A 81 -1.37 -19.42 1.87
CA LYS A 81 -2.44 -19.21 0.89
C LYS A 81 -3.73 -18.74 1.55
N ILE A 82 -4.20 -19.43 2.59
CA ILE A 82 -5.44 -19.05 3.25
C ILE A 82 -5.34 -17.62 3.75
N TYR A 83 -4.26 -17.30 4.47
CA TYR A 83 -4.08 -15.95 5.01
C TYR A 83 -4.20 -14.91 3.90
N CYS A 84 -3.49 -15.14 2.79
CA CYS A 84 -3.48 -14.19 1.70
C CYS A 84 -4.83 -14.09 1.01
N GLN A 85 -5.56 -15.22 0.95
CA GLN A 85 -6.90 -15.20 0.38
C GLN A 85 -7.85 -14.39 1.25
N ASN A 86 -7.76 -14.58 2.56
CA ASN A 86 -8.58 -13.80 3.48
C ASN A 86 -8.24 -12.32 3.36
N LEU A 87 -6.96 -12.00 3.19
CA LEU A 87 -6.56 -10.62 3.00
C LEU A 87 -7.17 -10.06 1.73
N CYS A 88 -7.15 -10.84 0.65
CA CYS A 88 -7.73 -10.36 -0.60
C CYS A 88 -9.23 -10.13 -0.48
N LEU A 89 -9.93 -11.01 0.23
CA LEU A 89 -11.37 -10.82 0.41
C LEU A 89 -11.64 -9.56 1.21
N LEU A 90 -10.85 -9.32 2.26
CA LEU A 90 -10.96 -8.10 3.04
C LEU A 90 -10.69 -6.87 2.19
N ALA A 91 -9.63 -6.90 1.38
CA ALA A 91 -9.28 -5.75 0.57
C ALA A 91 -10.37 -5.42 -0.45
N LYS A 92 -10.98 -6.45 -1.02
CA LYS A 92 -11.99 -6.28 -2.06
C LYS A 92 -13.23 -5.56 -1.55
N LEU A 93 -13.46 -5.56 -0.24
CA LEU A 93 -14.52 -4.74 0.34
C LEU A 93 -14.27 -3.26 0.16
N PHE A 94 -13.02 -2.86 -0.06
CA PHE A 94 -12.67 -1.45 -0.17
C PHE A 94 -12.00 -1.09 -1.49
N LEU A 95 -11.87 -2.04 -2.41
CA LEU A 95 -11.29 -1.82 -3.73
C LEU A 95 -12.31 -2.22 -4.78
N ASP A 96 -12.67 -1.28 -5.65
CA ASP A 96 -13.58 -1.59 -6.74
C ASP A 96 -12.92 -2.49 -7.77
N HIS A 97 -11.66 -2.24 -8.09
CA HIS A 97 -11.03 -2.80 -9.29
C HIS A 97 -10.20 -4.07 -9.04
N THR A 99 -9.59 -7.90 -8.64
CA THR A 99 -10.33 -9.02 -9.25
C THR A 99 -9.81 -10.38 -8.84
N LEU A 100 -8.69 -10.42 -8.15
CA LEU A 100 -8.02 -11.68 -7.83
C LEU A 100 -8.01 -11.89 -6.32
N TYR A 101 -8.58 -13.02 -5.88
CA TYR A 101 -8.75 -13.26 -4.45
C TYR A 101 -8.24 -14.63 -4.04
N PHE A 102 -8.34 -15.60 -4.93
CA PHE A 102 -8.06 -16.98 -4.55
C PHE A 102 -6.79 -17.54 -5.16
N ASP A 103 -6.38 -17.05 -6.34
CA ASP A 103 -5.12 -17.42 -6.98
C ASP A 103 -4.02 -16.49 -6.49
N VAL A 104 -3.55 -16.73 -5.27
CA VAL A 104 -2.61 -15.80 -4.65
C VAL A 104 -1.15 -16.25 -4.78
N GLU A 105 -0.91 -17.46 -5.26
CA GLU A 105 0.46 -17.97 -5.41
C GLU A 105 1.37 -17.06 -6.22
N PRO A 106 0.94 -16.42 -7.30
CA PRO A 106 1.84 -15.52 -8.03
C PRO A 106 2.20 -14.25 -7.28
N PHE A 107 1.67 -13.99 -6.09
CA PHE A 107 1.82 -12.70 -5.44
C PHE A 107 2.62 -12.80 -4.16
N VAL A 108 3.30 -11.71 -3.84
CA VAL A 108 3.81 -11.51 -2.50
C VAL A 108 3.04 -10.34 -1.91
N PHE A 109 2.75 -10.41 -0.61
CA PHE A 109 1.91 -9.42 0.06
C PHE A 109 2.72 -8.74 1.17
N TYR A 110 2.63 -7.43 1.24
CA TYR A 110 3.39 -6.64 2.21
C TYR A 110 2.40 -6.04 3.18
N ILE A 111 2.44 -6.49 4.44
CA ILE A 111 1.43 -6.15 5.43
C ILE A 111 2.01 -5.11 6.37
N LEU A 112 1.37 -3.95 6.45
CA LEU A 112 1.78 -2.90 7.37
C LEU A 112 1.04 -3.05 8.69
N THR A 113 1.79 -3.07 9.80
CA THR A 113 1.17 -3.14 11.11
C THR A 113 1.74 -2.04 12.01
N GLU A 114 0.93 -1.69 12.99
CA GLU A 114 1.25 -0.76 14.06
C GLU A 114 1.18 -1.56 15.36
N VAL A 115 2.27 -1.58 16.12
CA VAL A 115 2.46 -2.54 17.20
C VAL A 115 2.20 -1.88 18.55
N ASP A 116 1.51 -2.60 19.44
CA ASP A 116 1.49 -2.25 20.86
C ASP A 116 1.75 -3.52 21.69
N ARG A 117 1.54 -3.42 23.01
CA ARG A 117 1.77 -4.56 23.91
C ARG A 117 0.94 -5.78 23.52
N GLN A 118 -0.20 -5.57 22.86
CA GLN A 118 -1.13 -6.65 22.54
C GLN A 118 -0.68 -7.44 21.31
N GLY A 119 -0.13 -6.76 20.31
CA GLY A 119 0.20 -7.42 19.06
C GLY A 119 0.42 -6.40 17.95
N ALA A 120 0.59 -6.92 16.74
CA ALA A 120 0.82 -6.10 15.56
C ALA A 120 -0.52 -5.96 14.83
N HIS A 121 -1.03 -4.73 14.76
CA HIS A 121 -2.38 -4.44 14.29
C HIS A 121 -2.36 -4.03 12.84
N ILE A 122 -3.13 -4.75 12.01
CA ILE A 122 -3.08 -4.56 10.56
C ILE A 122 -3.66 -3.21 10.22
N VAL A 123 -2.95 -2.48 9.37
CA VAL A 123 -3.35 -1.16 8.90
C VAL A 123 -3.73 -1.19 7.43
N GLY A 124 -2.98 -1.93 6.63
CA GLY A 124 -3.23 -2.04 5.21
C GLY A 124 -2.17 -2.93 4.62
N TYR A 125 -2.03 -2.91 3.30
CA TYR A 125 -1.10 -3.82 2.63
C TYR A 125 -0.97 -3.40 1.17
N PHE A 126 0.07 -3.89 0.51
CA PHE A 126 0.03 -3.95 -0.94
C PHE A 126 0.49 -5.33 -1.39
N SER A 127 -0.09 -5.77 -2.49
CA SER A 127 0.36 -6.97 -3.17
C SER A 127 1.26 -6.56 -4.32
N LYS A 128 2.10 -7.50 -4.73
CA LYS A 128 3.02 -7.28 -5.84
C LYS A 128 3.20 -8.60 -6.58
N GLU A 129 3.20 -8.55 -7.90
CA GLU A 129 3.48 -9.76 -8.69
C GLU A 129 4.94 -10.18 -8.56
N LYS A 130 5.18 -11.45 -8.21
CA LYS A 130 6.54 -11.99 -8.19
C LYS A 130 7.26 -11.71 -9.50
N GLU A 131 6.58 -11.89 -10.62
CA GLU A 131 7.11 -11.62 -11.94
C GLU A 131 6.13 -10.73 -12.66
N SER A 132 6.48 -9.46 -12.83
CA SER A 132 5.57 -8.52 -13.47
C SER A 132 6.05 -8.24 -14.88
N PRO A 133 5.39 -8.76 -15.91
CA PRO A 133 5.81 -8.43 -17.28
C PRO A 133 5.74 -6.94 -17.55
N ASP A 134 4.79 -6.25 -16.93
CA ASP A 134 4.48 -4.85 -17.20
C ASP A 134 5.28 -3.88 -16.34
N GLY A 135 6.15 -4.38 -15.49
CA GLY A 135 6.87 -3.50 -14.59
C GLY A 135 5.98 -2.81 -13.58
N ASN A 136 5.07 -3.54 -12.95
CA ASN A 136 4.28 -2.96 -11.86
C ASN A 136 4.93 -3.32 -10.53
N ASN A 137 5.22 -2.31 -9.71
CA ASN A 137 5.80 -2.60 -8.40
C ASN A 137 4.75 -2.69 -7.31
N VAL A 138 3.48 -2.51 -7.68
CA VAL A 138 2.32 -2.71 -6.84
C VAL A 138 1.23 -3.26 -7.73
N SER A 139 0.53 -4.27 -7.24
CA SER A 139 -0.68 -4.75 -7.90
C SER A 139 -1.92 -4.09 -7.30
N CYS A 140 -2.18 -4.31 -6.01
CA CYS A 140 -3.25 -3.60 -5.31
C CYS A 140 -2.71 -3.00 -4.03
N ILE A 141 -3.18 -1.81 -3.68
CA ILE A 141 -2.74 -1.18 -2.45
C ILE A 141 -3.96 -0.65 -1.72
N MET A 142 -4.07 -0.99 -0.43
CA MET A 142 -5.27 -0.71 0.34
C MET A 142 -4.87 -0.37 1.77
N ILE A 143 -5.41 0.75 2.27
CA ILE A 143 -5.35 1.14 3.68
C ILE A 143 -6.76 1.05 4.23
N LEU A 144 -6.92 0.39 5.39
CA LEU A 144 -8.25 0.25 5.95
C LEU A 144 -8.82 1.62 6.29
N PRO A 145 -10.13 1.82 6.13
CA PRO A 145 -10.72 3.16 6.25
C PRO A 145 -10.30 3.93 7.49
N PRO A 146 -10.36 3.35 8.72
CA PRO A 146 -10.00 4.18 9.89
C PRO A 146 -8.53 4.64 9.90
N TYR A 147 -7.69 4.13 9.01
CA TYR A 147 -6.29 4.54 8.94
C TYR A 147 -5.98 5.39 7.72
N GLN A 148 -6.98 5.64 6.87
CA GLN A 148 -6.74 6.38 5.66
C GLN A 148 -6.43 7.84 6.00
N ARG A 149 -5.62 8.47 5.16
CA ARG A 149 -5.30 9.89 5.29
C ARG A 149 -4.56 10.19 6.58
N ARG A 150 -3.76 9.24 7.06
CA ARG A 150 -3.00 9.46 8.28
C ARG A 150 -1.52 9.13 8.10
N GLY A 151 -1.04 9.12 6.85
CA GLY A 151 0.37 8.87 6.55
C GLY A 151 0.73 7.44 6.26
N TYR A 152 -0.18 6.49 6.44
CA TYR A 152 0.15 5.08 6.26
C TYR A 152 0.22 4.69 4.79
N GLY A 153 -0.68 5.24 3.96
CA GLY A 153 -0.61 4.99 2.54
C GLY A 153 0.66 5.57 1.92
N ARG A 154 1.04 6.77 2.36
CA ARG A 154 2.29 7.34 1.88
C ARG A 154 3.46 6.45 2.26
N PHE A 155 3.45 5.91 3.48
CA PHE A 155 4.49 4.96 3.89
C PHE A 155 4.56 3.78 2.94
N LEU A 156 3.41 3.15 2.66
CA LEU A 156 3.43 1.95 1.82
C LEU A 156 3.86 2.27 0.39
N ILE A 157 3.41 3.41 -0.16
CA ILE A 157 3.92 3.85 -1.47
C ILE A 157 5.44 4.00 -1.43
N ALA A 158 5.94 4.77 -0.47
CA ALA A 158 7.39 4.94 -0.35
C ALA A 158 8.08 3.61 -0.23
N PHE A 159 7.47 2.69 0.51
CA PHE A 159 8.04 1.36 0.73
C PHE A 159 8.11 0.59 -0.58
N SER A 160 7.07 0.67 -1.41
CA SER A 160 7.09 -0.06 -2.67
C SER A 160 8.24 0.41 -3.55
N TYR A 161 8.55 1.70 -3.52
CA TYR A 161 9.67 2.21 -4.30
C TYR A 161 11.02 1.85 -3.68
N GLU A 162 11.10 1.74 -2.35
CA GLU A 162 12.37 1.30 -1.74
C GLU A 162 12.73 -0.11 -2.18
N LEU A 163 11.73 -0.97 -2.34
CA LEU A 163 11.99 -2.30 -2.88
C LEU A 163 12.43 -2.21 -4.34
N SER A 164 11.75 -1.38 -5.13
CA SER A 164 12.15 -1.16 -6.53
C SER A 164 13.59 -0.69 -6.62
N LYS A 165 13.99 0.26 -5.76
CA LYS A 165 15.38 0.72 -5.78
C LYS A 165 16.34 -0.44 -5.54
N LEU A 166 15.98 -1.33 -4.61
CA LEU A 166 16.85 -2.46 -4.28
C LEU A 166 16.91 -3.47 -5.39
N GLU A 167 15.89 -3.51 -6.23
CA GLU A 167 15.86 -4.35 -7.41
C GLU A 167 16.52 -3.65 -8.60
N SER A 168 17.03 -2.43 -8.43
CA SER A 168 17.62 -1.67 -9.54
C SER A 168 16.66 -1.55 -10.70
N THR A 169 15.43 -1.15 -10.43
CA THR A 169 14.41 -1.09 -11.47
C THR A 169 13.42 0.02 -11.15
N VAL A 170 12.76 0.50 -12.19
CA VAL A 170 11.64 1.41 -11.98
C VAL A 170 10.38 0.56 -11.90
N GLY A 171 9.32 1.15 -11.36
CA GLY A 171 8.03 0.47 -11.36
C GLY A 171 6.91 1.48 -11.20
N SER A 172 5.70 1.02 -11.45
CA SER A 172 4.50 1.85 -11.35
C SER A 172 3.38 1.01 -10.81
N PRO A 173 2.44 1.57 -10.03
CA PRO A 173 1.30 0.77 -9.58
C PRO A 173 0.46 0.32 -10.77
N GLU A 174 -0.10 -0.89 -10.63
CA GLU A 174 -1.01 -1.41 -11.63
C GLU A 174 -2.27 -0.55 -11.74
N LYS A 175 -2.70 -0.31 -12.95
CA LYS A 175 -3.88 0.53 -13.16
C LYS A 175 -5.12 -0.34 -13.30
N PRO A 176 -6.34 0.16 -12.99
CA PRO A 176 -6.60 1.51 -12.47
C PRO A 176 -6.47 1.62 -10.96
N LEU A 177 -6.10 2.81 -10.53
CA LEU A 177 -6.00 3.09 -9.11
C LEU A 177 -7.37 3.48 -8.57
N SER A 178 -7.58 3.16 -7.29
CA SER A 178 -8.72 3.74 -6.60
C SER A 178 -8.56 5.25 -6.54
N ASP A 179 -9.67 5.93 -6.28
CA ASP A 179 -9.66 7.39 -6.27
C ASP A 179 -8.69 7.93 -5.22
N LEU A 180 -8.74 7.38 -4.00
CA LEU A 180 -7.80 7.84 -2.99
C LEU A 180 -6.38 7.43 -3.34
N GLY A 181 -6.21 6.25 -3.96
CA GLY A 181 -4.90 5.85 -4.43
C GLY A 181 -4.30 6.80 -5.44
N LYS A 182 -5.10 7.25 -6.41
CA LYS A 182 -4.66 8.25 -7.38
C LYS A 182 -4.16 9.52 -6.69
N LEU A 183 -4.99 10.13 -5.86
CA LEU A 183 -4.55 11.33 -5.18
C LEU A 183 -3.29 11.06 -4.37
N SER A 184 -3.21 9.89 -3.75
CA SER A 184 -2.07 9.61 -2.88
C SER A 184 -0.80 9.48 -3.71
N TYR A 185 -0.86 8.82 -4.86
CA TYR A 185 0.36 8.65 -5.65
C TYR A 185 0.83 9.98 -6.20
N ARG A 186 -0.11 10.79 -6.71
CA ARG A 186 0.24 12.10 -7.26
C ARG A 186 0.91 12.95 -6.20
N SER A 187 0.40 12.92 -4.98
CA SER A 187 0.99 13.69 -3.90
C SER A 187 2.36 13.13 -3.51
N TYR A 188 2.51 11.81 -3.47
CA TYR A 188 3.82 11.26 -3.14
C TYR A 188 4.84 11.59 -4.23
N TRP A 189 4.44 11.48 -5.50
CA TRP A 189 5.36 11.76 -6.58
C TRP A 189 5.81 13.23 -6.55
N SER A 190 4.86 14.13 -6.34
CA SER A 190 5.18 15.56 -6.23
C SER A 190 6.22 15.79 -5.15
N SER A 191 5.95 15.30 -3.93
CA SER A 191 6.84 15.52 -2.80
C SER A 191 8.24 15.05 -3.09
N VAL A 192 8.36 13.83 -3.61
CA VAL A 192 9.67 13.22 -3.84
C VAL A 192 10.41 13.98 -4.92
N LEU A 193 9.73 14.30 -6.01
CA LEU A 193 10.40 14.99 -7.11
C LEU A 193 10.75 16.42 -6.71
N LEU A 194 9.84 17.11 -6.04
CA LEU A 194 10.15 18.47 -5.60
C LEU A 194 11.30 18.48 -4.61
N GLU A 195 11.34 17.52 -3.68
CA GLU A 195 12.45 17.49 -2.72
C GLU A 195 13.77 17.23 -3.44
N ASN A 196 13.80 16.31 -4.40
CA ASN A 196 15.02 16.09 -5.16
C ASN A 196 15.42 17.33 -5.98
N LEU A 197 14.46 18.08 -6.49
CA LEU A 197 14.79 19.27 -7.25
C LEU A 197 15.28 20.42 -6.37
N ARG A 198 14.87 20.45 -5.09
CA ARG A 198 15.41 21.42 -4.13
C ARG A 198 16.86 21.16 -3.79
N ASP A 199 17.19 19.91 -3.45
CA ASP A 199 18.48 19.56 -2.88
C ASP A 199 19.59 19.68 -3.93
N LEU A 204 19.78 17.76 -13.04
CA LEU A 204 18.88 16.61 -12.98
C LEU A 204 17.94 16.51 -14.17
N SER A 205 18.07 15.44 -14.93
CA SER A 205 17.14 15.19 -16.01
C SER A 205 15.92 14.43 -15.48
N ILE A 206 14.97 14.15 -16.38
CA ILE A 206 13.89 13.25 -16.02
C ILE A 206 14.44 11.85 -15.82
N LYS A 207 15.42 11.44 -16.65
CA LYS A 207 16.04 10.14 -16.47
C LYS A 207 16.79 10.06 -15.16
N ASP A 208 17.41 11.16 -14.71
CA ASP A 208 18.11 11.15 -13.43
C ASP A 208 17.15 11.02 -12.27
N LEU A 209 16.04 11.77 -12.31
CA LEU A 209 15.01 11.63 -11.29
C LEU A 209 14.46 10.21 -11.27
N SER A 210 14.35 9.58 -12.44
CA SER A 210 13.84 8.23 -12.52
C SER A 210 14.77 7.24 -11.86
N GLN A 211 16.08 7.36 -12.12
CA GLN A 211 17.02 6.42 -11.53
C GLN A 211 17.19 6.67 -10.04
N MET A 212 17.01 7.91 -9.59
CA MET A 212 17.19 8.17 -8.17
C MET A 212 15.99 7.72 -7.35
N THR A 213 14.79 7.68 -7.95
CA THR A 213 13.56 7.46 -7.18
C THR A 213 12.86 6.14 -7.49
N SER A 214 13.21 5.48 -8.60
CA SER A 214 12.52 4.32 -9.17
C SER A 214 11.12 4.63 -9.66
N ILE A 215 10.73 5.91 -9.68
CA ILE A 215 9.53 6.35 -10.38
C ILE A 215 9.79 6.31 -11.88
N THR A 216 8.84 5.77 -12.63
CA THR A 216 9.00 5.69 -14.08
C THR A 216 9.01 7.07 -14.73
N GLN A 217 9.58 7.15 -15.92
CA GLN A 217 9.65 8.45 -16.58
C GLN A 217 8.26 8.98 -16.89
N ASN A 218 7.33 8.09 -17.26
CA ASN A 218 5.97 8.55 -17.55
C ASN A 218 5.32 9.16 -16.31
N ASP A 219 5.48 8.51 -15.15
CA ASP A 219 4.89 9.05 -13.93
C ASP A 219 5.59 10.35 -13.52
N ILE A 220 6.90 10.43 -13.67
CA ILE A 220 7.60 11.70 -13.46
C ILE A 220 7.04 12.77 -14.38
N ILE A 221 6.95 12.47 -15.67
CA ILE A 221 6.49 13.45 -16.66
C ILE A 221 5.08 13.91 -16.34
N SER A 222 4.16 12.97 -16.13
CA SER A 222 2.81 13.44 -15.86
C SER A 222 2.73 14.20 -14.54
N THR A 223 3.61 13.89 -13.58
CA THR A 223 3.61 14.68 -12.35
C THR A 223 4.17 16.09 -12.59
N LEU A 224 5.28 16.19 -13.31
CA LEU A 224 5.83 17.50 -13.64
C LEU A 224 4.87 18.31 -14.51
N GLN A 225 4.13 17.64 -15.40
CA GLN A 225 3.10 18.33 -16.17
C GLN A 225 2.03 18.95 -15.27
N SER A 226 1.58 18.21 -14.25
CA SER A 226 0.60 18.80 -13.36
C SER A 226 1.19 19.95 -12.55
N LEU A 227 2.50 20.00 -12.37
CA LEU A 227 3.13 21.10 -11.69
C LEU A 227 3.53 22.22 -12.64
N ASN A 228 3.30 22.01 -13.94
CA ASN A 228 3.75 22.93 -14.98
C ASN A 228 5.26 23.16 -14.89
N MET A 229 6.01 22.08 -14.82
CA MET A 229 7.47 22.16 -14.69
C MET A 229 8.19 21.41 -15.79
N VAL A 230 7.55 21.24 -16.93
CA VAL A 230 8.20 20.56 -18.04
C VAL A 230 7.90 21.34 -19.32
N LYS A 231 8.95 21.57 -20.10
CA LYS A 231 8.92 22.11 -21.44
C LYS A 231 8.91 20.97 -22.44
N TYR A 232 8.53 21.28 -23.67
CA TYR A 232 8.61 20.33 -24.77
C TYR A 232 9.52 20.90 -25.85
N TRP A 233 10.49 20.11 -26.30
CA TRP A 233 11.41 20.58 -27.35
C TRP A 233 11.69 19.43 -28.30
N LYS A 234 11.24 19.58 -29.54
CA LYS A 234 11.54 18.66 -30.62
C LYS A 234 11.28 17.21 -30.20
N GLY A 235 10.11 16.99 -29.61
CA GLY A 235 9.65 15.66 -29.29
C GLY A 235 10.06 15.14 -27.93
N GLN A 236 10.75 15.95 -27.12
CA GLN A 236 11.25 15.51 -25.82
C GLN A 236 10.68 16.37 -24.70
N HIS A 237 10.24 15.70 -23.63
CA HIS A 237 9.95 16.39 -22.38
C HIS A 237 11.25 16.75 -21.68
N VAL A 238 11.34 17.99 -21.22
CA VAL A 238 12.54 18.55 -20.61
C VAL A 238 12.15 19.32 -19.35
N ILE A 239 12.79 19.02 -18.22
CA ILE A 239 12.45 19.69 -16.96
C ILE A 239 12.71 21.18 -17.12
N CYS A 240 11.79 21.99 -16.60
CA CYS A 240 11.94 23.45 -16.74
C CYS A 240 11.45 24.10 -15.45
N VAL A 241 12.36 24.28 -14.48
CA VAL A 241 11.97 24.77 -13.16
C VAL A 241 13.12 25.59 -12.56
N THR A 242 12.76 26.62 -11.83
CA THR A 242 13.74 27.37 -11.06
C THR A 242 13.74 26.92 -9.60
N PRO A 243 14.86 27.04 -8.89
CA PRO A 243 14.86 26.68 -7.46
C PRO A 243 13.80 27.41 -6.66
N LYS A 244 13.50 28.64 -7.04
CA LYS A 244 12.48 29.40 -6.30
C LYS A 244 11.09 28.81 -6.51
N LEU A 245 10.80 28.36 -7.74
CA LEU A 245 9.51 27.76 -8.02
C LEU A 245 9.33 26.49 -7.20
N VAL A 246 10.38 25.67 -7.13
CA VAL A 246 10.34 24.44 -6.34
C VAL A 246 9.96 24.74 -4.90
N GLU A 247 10.59 25.75 -4.30
CA GLU A 247 10.31 26.05 -2.89
C GLU A 247 8.92 26.62 -2.69
N GLU A 248 8.41 27.37 -3.66
CA GLU A 248 7.03 27.83 -3.54
C GLU A 248 6.09 26.64 -3.42
N HIS A 249 6.29 25.62 -4.25
CA HIS A 249 5.43 24.45 -4.20
C HIS A 249 5.62 23.67 -2.91
N LEU A 250 6.84 23.62 -2.40
CA LEU A 250 7.17 22.69 -1.34
C LEU A 250 6.65 23.12 0.02
N LYS A 251 6.64 24.41 0.29
CA LYS A 251 6.20 24.88 1.59
C LYS A 251 4.72 25.23 1.56
N SER A 252 4.05 24.97 0.45
CA SER A 252 2.61 25.10 0.40
C SER A 252 1.96 24.00 1.25
N ALA A 253 0.64 24.10 1.37
CA ALA A 253 -0.05 23.56 2.53
C ALA A 253 -0.01 22.04 2.58
N GLN A 254 -0.17 21.37 1.45
CA GLN A 254 -0.37 19.92 1.46
C GLN A 254 0.90 19.13 1.78
N TYR A 255 2.08 19.74 1.76
CA TYR A 255 3.31 19.04 2.09
C TYR A 255 3.76 19.29 3.55
N LYS A 256 2.80 19.46 4.47
CA LYS A 256 3.09 19.91 5.83
C LYS A 256 2.96 18.83 6.90
N LYS A 257 2.18 17.80 6.67
CA LYS A 257 2.06 16.73 7.65
C LYS A 257 3.39 15.98 7.76
N PRO A 258 3.88 15.70 8.97
CA PRO A 258 5.16 14.98 9.10
C PRO A 258 4.99 13.50 8.78
N PRO A 259 5.73 12.98 7.81
CA PRO A 259 5.51 11.60 7.37
C PRO A 259 6.09 10.56 8.32
N ILE A 260 5.48 9.38 8.29
CA ILE A 260 6.15 8.16 8.71
C ILE A 260 7.16 7.88 7.62
N THR A 261 8.42 7.94 7.95
CA THR A 261 9.35 7.74 6.86
C THR A 261 9.71 6.26 6.76
N VAL A 262 10.21 5.87 5.59
CA VAL A 262 10.84 4.57 5.44
C VAL A 262 12.34 4.77 5.65
N ASP A 263 12.86 4.22 6.75
CA ASP A 263 14.29 4.25 7.07
C ASP A 263 14.95 3.05 6.42
N SER A 264 15.72 3.28 5.35
CA SER A 264 16.31 2.15 4.65
C SER A 264 17.23 1.34 5.54
N VAL A 265 17.73 1.93 6.62
CA VAL A 265 18.56 1.18 7.57
C VAL A 265 17.75 0.09 8.28
N CYS A 266 16.43 0.24 8.36
CA CYS A 266 15.57 -0.73 9.03
C CYS A 266 14.93 -1.72 8.08
N LEU A 267 15.24 -1.63 6.79
CA LEU A 267 14.72 -2.52 5.77
C LEU A 267 15.66 -3.70 5.61
N LYS A 268 15.15 -4.91 5.85
CA LYS A 268 15.93 -6.15 5.83
C LYS A 268 15.46 -6.93 4.61
N TRP A 269 16.03 -6.64 3.45
CA TRP A 269 15.43 -7.22 2.27
C TRP A 269 16.45 -7.34 1.17
N ALA A 270 16.46 -8.51 0.54
CA ALA A 270 17.33 -8.79 -0.57
C ALA A 270 16.48 -9.06 -1.80
N PRO A 271 16.83 -8.48 -2.95
CA PRO A 271 16.03 -8.69 -4.18
C PRO A 271 16.07 -10.15 -4.62
N PRO A 272 14.91 -10.71 -5.00
CA PRO A 272 14.80 -12.07 -5.56
C PRO A 272 15.63 -12.20 -6.83
#